data_2XF4
#
_entry.id   2XF4
#
_cell.length_a   124.363
_cell.length_b   124.363
_cell.length_c   35.594
_cell.angle_alpha   90.00
_cell.angle_beta   90.00
_cell.angle_gamma   90.00
#
_symmetry.space_group_name_H-M   'P 41 21 2'
#
loop_
_entity.id
_entity.type
_entity.pdbx_description
1 polymer 'HYDROXYACYLGLUTATHIONE HYDROLASE'
2 non-polymer 'ZINC ION'
3 non-polymer 'TETRAETHYLENE GLYCOL'
4 water water
#
_entity_poly.entity_id   1
_entity_poly.type   'polypeptide(L)'
_entity_poly.pdbx_seq_one_letter_code
;MNYRIIPVTAFSQNCSLIWCEQTRLAALVDPGGDAEKIKQEVDASGVTLMQILLTHGHLDHVGAASELAQHYGVPVIGPE
KEDEFWLQGLPAQSRMFGLDECQPLTPDRWLNDGDRVSVGNVTLQVLHCPGHTPGHVVFFDEQSQLLISGDVIFKGGVGR
SDFPRGDHTQLIDAIKRKLLPLGDDVTFIPGHGPLSTLGYERLHNPFLQD
;
_entity_poly.pdbx_strand_id   A
#
# COMPACT_ATOMS: atom_id res chain seq x y z
N MET A 1 -14.12 9.27 1.57
CA MET A 1 -12.81 9.45 0.89
C MET A 1 -12.95 9.15 -0.59
N ASN A 2 -12.43 10.05 -1.41
CA ASN A 2 -12.35 9.82 -2.86
C ASN A 2 -10.99 9.23 -3.21
N TYR A 3 -10.95 8.50 -4.31
CA TYR A 3 -9.70 7.92 -4.77
C TYR A 3 -9.65 7.72 -6.28
N ARG A 4 -8.44 7.59 -6.79
CA ARG A 4 -8.19 7.24 -8.18
C ARG A 4 -7.06 6.21 -8.20
N ILE A 5 -7.27 5.12 -8.92
CA ILE A 5 -6.25 4.08 -9.04
C ILE A 5 -5.39 4.37 -10.27
N ILE A 6 -4.07 4.32 -10.08
CA ILE A 6 -3.11 4.60 -11.15
C ILE A 6 -2.18 3.38 -11.33
N PRO A 7 -2.52 2.48 -12.28
CA PRO A 7 -1.65 1.31 -12.56
C PRO A 7 -0.25 1.78 -12.98
N VAL A 8 0.78 1.33 -12.26
CA VAL A 8 2.15 1.75 -12.54
C VAL A 8 3.10 0.56 -12.64
N THR A 9 4.21 0.75 -13.35
CA THR A 9 5.26 -0.27 -13.59
C THR A 9 4.82 -1.41 -14.51
N ALA A 10 5.78 -2.23 -14.92
CA ALA A 10 5.52 -3.44 -15.69
C ALA A 10 4.80 -4.51 -14.87
N PHE A 11 4.85 -4.40 -13.55
CA PHE A 11 4.11 -5.32 -12.66
C PHE A 11 2.64 -4.90 -12.52
N SER A 12 2.29 -3.76 -13.13
CA SER A 12 0.91 -3.25 -13.14
C SER A 12 0.30 -3.15 -11.73
N GLN A 13 0.96 -2.34 -10.88
CA GLN A 13 0.60 -2.23 -9.46
C GLN A 13 -0.41 -1.10 -9.25
N ASN A 14 -1.38 -1.30 -8.36
CA ASN A 14 -2.46 -0.33 -8.13
C ASN A 14 -2.10 0.80 -7.17
N CYS A 15 -1.32 1.76 -7.65
CA CYS A 15 -1.04 2.98 -6.89
C CYS A 15 -2.34 3.74 -6.68
N SER A 16 -2.54 4.24 -5.46
CA SER A 16 -3.76 4.96 -5.10
C SER A 16 -3.52 6.43 -4.81
N LEU A 17 -4.22 7.28 -5.53
CA LEU A 17 -4.34 8.68 -5.13
C LEU A 17 -5.64 8.80 -4.31
N ILE A 18 -5.52 9.16 -3.05
CA ILE A 18 -6.68 9.28 -2.17
C ILE A 18 -6.80 10.71 -1.66
N TRP A 19 -8.03 11.16 -1.45
CA TRP A 19 -8.22 12.52 -0.95
C TRP A 19 -9.54 12.76 -0.23
N CYS A 20 -9.52 13.78 0.61
CA CYS A 20 -10.69 14.27 1.32
C CYS A 20 -11.52 15.14 0.37
N GLU A 21 -12.83 14.86 0.31
CA GLU A 21 -13.73 15.60 -0.57
C GLU A 21 -13.89 17.09 -0.20
N GLN A 22 -13.94 17.41 1.10
CA GLN A 22 -14.10 18.81 1.55
C GLN A 22 -12.84 19.64 1.37
N THR A 23 -11.72 19.13 1.87
CA THR A 23 -10.46 19.91 1.93
C THR A 23 -9.57 19.76 0.70
N ARG A 24 -9.79 18.68 -0.07
CA ARG A 24 -9.00 18.35 -1.27
C ARG A 24 -7.54 18.01 -0.92
N LEU A 25 -7.27 17.75 0.36
CA LEU A 25 -5.96 17.27 0.79
C LEU A 25 -5.83 15.78 0.48
N ALA A 26 -4.67 15.40 -0.07
CA ALA A 26 -4.51 14.10 -0.68
C ALA A 26 -3.26 13.36 -0.23
N ALA A 27 -3.25 12.05 -0.49
CA ALA A 27 -2.10 11.20 -0.23
C ALA A 27 -1.93 10.24 -1.41
N LEU A 28 -0.69 9.85 -1.66
CA LEU A 28 -0.39 8.76 -2.60
C LEU A 28 -0.03 7.51 -1.81
N VAL A 29 -0.72 6.41 -2.10
CA VAL A 29 -0.35 5.13 -1.52
C VAL A 29 0.41 4.34 -2.58
N ASP A 30 1.60 3.87 -2.22
CA ASP A 30 2.42 3.01 -3.09
C ASP A 30 2.69 3.55 -4.50
N PRO A 31 3.39 4.70 -4.61
CA PRO A 31 3.75 5.19 -5.94
C PRO A 31 4.94 4.40 -6.48
N GLY A 32 4.65 3.29 -7.16
CA GLY A 32 5.63 2.26 -7.49
C GLY A 32 6.62 2.54 -8.61
N GLY A 33 6.24 3.41 -9.54
CA GLY A 33 7.06 3.74 -10.71
C GLY A 33 6.25 4.68 -11.58
N ASP A 34 6.67 4.85 -12.83
CA ASP A 34 5.99 5.75 -13.77
C ASP A 34 5.67 7.10 -13.12
N ALA A 35 6.71 7.75 -12.62
CA ALA A 35 6.57 9.00 -11.86
C ALA A 35 5.86 10.09 -12.64
N GLU A 36 6.09 10.14 -13.96
CA GLU A 36 5.45 11.13 -14.83
C GLU A 36 3.93 10.89 -14.94
N LYS A 37 3.53 9.64 -15.14
CA LYS A 37 2.12 9.24 -15.16
C LYS A 37 1.41 9.63 -13.86
N ILE A 38 2.05 9.36 -12.73
CA ILE A 38 1.50 9.73 -11.43
C ILE A 38 1.34 11.25 -11.31
N LYS A 39 2.40 11.99 -11.62
CA LYS A 39 2.37 13.46 -11.56
C LYS A 39 1.26 14.04 -12.43
N GLN A 40 1.09 13.49 -13.63
CA GLN A 40 0.05 13.95 -14.55
C GLN A 40 -1.35 13.78 -13.97
N GLU A 41 -1.62 12.63 -13.34
CA GLU A 41 -2.91 12.38 -12.70
C GLU A 41 -3.11 13.24 -11.44
N VAL A 42 -2.08 13.33 -10.60
CA VAL A 42 -2.14 14.17 -9.40
C VAL A 42 -2.45 15.62 -9.78
N ASP A 43 -1.67 16.17 -10.71
CA ASP A 43 -1.80 17.58 -11.12
C ASP A 43 -3.14 17.88 -11.79
N ALA A 44 -3.62 16.96 -12.63
CA ALA A 44 -4.90 17.14 -13.32
C ALA A 44 -6.12 16.97 -12.42
N SER A 45 -5.94 16.30 -11.27
CA SER A 45 -7.06 16.05 -10.34
C SER A 45 -7.41 17.27 -9.48
N GLY A 46 -6.46 18.19 -9.35
CA GLY A 46 -6.69 19.45 -8.65
C GLY A 46 -6.54 19.40 -7.14
N VAL A 47 -6.14 18.24 -6.62
CA VAL A 47 -5.99 18.06 -5.17
C VAL A 47 -4.67 18.65 -4.66
N THR A 48 -4.55 18.78 -3.34
CA THR A 48 -3.29 19.18 -2.71
C THR A 48 -2.60 17.98 -2.04
N LEU A 49 -1.57 17.45 -2.70
CA LEU A 49 -0.81 16.33 -2.15
C LEU A 49 -0.03 16.73 -0.91
N MET A 50 -0.19 15.96 0.17
CA MET A 50 0.46 16.27 1.45
C MET A 50 1.45 15.21 1.88
N GLN A 51 1.30 14.00 1.35
CA GLN A 51 2.09 12.86 1.84
C GLN A 51 2.05 11.65 0.92
N ILE A 52 3.09 10.84 1.05
CA ILE A 52 3.22 9.56 0.35
C ILE A 52 3.19 8.47 1.41
N LEU A 53 2.35 7.46 1.20
CA LEU A 53 2.21 6.36 2.14
C LEU A 53 2.66 5.05 1.51
N LEU A 54 3.35 4.23 2.29
CA LEU A 54 3.93 2.98 1.81
C LEU A 54 3.36 1.80 2.57
N THR A 55 2.81 0.82 1.86
CA THR A 55 2.29 -0.38 2.53
C THR A 55 3.41 -1.35 2.87
N HIS A 56 4.42 -1.44 2.01
CA HIS A 56 5.55 -2.35 2.20
C HIS A 56 6.75 -2.02 1.30
N GLY A 57 7.90 -2.66 1.57
CA GLY A 57 9.16 -2.27 0.94
C GLY A 57 9.49 -2.83 -0.44
N HIS A 58 8.49 -3.28 -1.18
CA HIS A 58 8.75 -3.88 -2.49
C HIS A 58 8.74 -2.91 -3.67
N LEU A 59 9.66 -3.19 -4.59
CA LEU A 59 9.97 -2.33 -5.75
C LEU A 59 8.77 -1.72 -6.45
N ASP A 60 7.77 -2.53 -6.79
CA ASP A 60 6.62 -2.05 -7.57
C ASP A 60 5.64 -1.17 -6.77
N HIS A 61 5.95 -0.99 -5.49
CA HIS A 61 5.16 -0.12 -4.61
C HIS A 61 5.91 1.15 -4.20
N VAL A 62 7.23 1.19 -4.40
CA VAL A 62 8.03 2.29 -3.85
C VAL A 62 8.96 3.01 -4.83
N GLY A 63 9.02 2.52 -6.07
CA GLY A 63 10.01 2.99 -7.03
C GLY A 63 10.02 4.49 -7.31
N ALA A 64 8.85 5.12 -7.27
CA ALA A 64 8.74 6.55 -7.57
C ALA A 64 8.58 7.43 -6.32
N ALA A 65 8.59 6.82 -5.14
CA ALA A 65 8.36 7.55 -3.88
C ALA A 65 9.36 8.70 -3.63
N SER A 66 10.64 8.41 -3.82
CA SER A 66 11.70 9.38 -3.57
C SER A 66 11.65 10.58 -4.53
N GLU A 67 11.43 10.30 -5.82
CA GLU A 67 11.33 11.36 -6.82
C GLU A 67 10.10 12.26 -6.57
N LEU A 68 8.98 11.63 -6.23
CA LEU A 68 7.75 12.39 -5.98
C LEU A 68 7.80 13.18 -4.67
N ALA A 69 8.42 12.60 -3.64
CA ALA A 69 8.63 13.30 -2.36
C ALA A 69 9.42 14.58 -2.56
N GLN A 70 10.47 14.51 -3.38
CA GLN A 70 11.31 15.67 -3.72
C GLN A 70 10.55 16.65 -4.61
N HIS A 71 9.81 16.12 -5.57
CA HIS A 71 9.09 16.96 -6.52
C HIS A 71 8.02 17.82 -5.85
N TYR A 72 7.23 17.19 -4.98
CA TYR A 72 6.13 17.87 -4.32
C TYR A 72 6.49 18.49 -2.97
N GLY A 73 7.62 18.06 -2.40
CA GLY A 73 8.03 18.51 -1.07
C GLY A 73 7.09 17.94 -0.02
N VAL A 74 7.00 16.61 0.02
CA VAL A 74 6.13 15.91 0.96
C VAL A 74 6.86 14.73 1.61
N PRO A 75 6.42 14.32 2.81
CA PRO A 75 7.10 13.20 3.47
C PRO A 75 6.74 11.83 2.86
N VAL A 76 7.66 10.87 2.99
CA VAL A 76 7.39 9.47 2.72
C VAL A 76 7.17 8.80 4.06
N ILE A 77 5.98 8.24 4.25
CA ILE A 77 5.59 7.68 5.53
C ILE A 77 5.29 6.19 5.39
N GLY A 78 5.86 5.39 6.28
CA GLY A 78 5.71 3.94 6.24
C GLY A 78 6.82 3.28 5.44
N PRO A 79 6.89 1.93 5.45
CA PRO A 79 5.93 1.04 6.11
C PRO A 79 6.36 0.77 7.56
N GLU A 80 6.20 -0.46 8.04
CA GLU A 80 6.69 -0.79 9.38
C GLU A 80 8.20 -1.11 9.29
N LYS A 81 8.93 -0.82 10.35
CA LYS A 81 10.41 -0.86 10.35
C LYS A 81 11.07 -2.18 9.91
N GLU A 82 10.37 -3.31 10.08
CA GLU A 82 10.91 -4.62 9.68
C GLU A 82 11.19 -4.76 8.17
N ASP A 83 10.60 -3.86 7.36
CA ASP A 83 10.86 -3.81 5.91
C ASP A 83 12.05 -2.93 5.50
N GLU A 84 12.77 -2.41 6.48
CA GLU A 84 13.94 -1.61 6.19
C GLU A 84 14.93 -2.36 5.31
N PHE A 85 15.12 -3.65 5.57
CA PHE A 85 16.01 -4.46 4.72
C PHE A 85 15.57 -4.50 3.25
N TRP A 86 14.26 -4.50 3.00
CA TRP A 86 13.74 -4.46 1.61
C TRP A 86 14.02 -3.12 0.93
N LEU A 87 13.79 -2.03 1.66
CA LEU A 87 14.05 -0.68 1.17
C LEU A 87 15.53 -0.43 0.93
N GLN A 88 16.37 -1.00 1.80
CA GLN A 88 17.82 -0.96 1.60
C GLN A 88 18.21 -1.80 0.37
N GLY A 89 17.42 -2.82 0.06
CA GLY A 89 17.69 -3.71 -1.04
C GLY A 89 17.03 -3.36 -2.36
N LEU A 90 16.52 -2.13 -2.48
CA LEU A 90 15.91 -1.68 -3.74
C LEU A 90 16.82 -1.78 -4.98
N PRO A 91 18.13 -1.45 -4.84
CA PRO A 91 19.04 -1.66 -5.97
C PRO A 91 19.07 -3.13 -6.42
N ALA A 92 19.08 -4.03 -5.44
CA ALA A 92 19.09 -5.46 -5.72
C ALA A 92 17.77 -5.91 -6.33
N GLN A 93 16.66 -5.42 -5.78
CA GLN A 93 15.33 -5.68 -6.32
C GLN A 93 15.25 -5.35 -7.82
N SER A 94 15.67 -4.15 -8.20
CA SER A 94 15.54 -3.70 -9.60
C SER A 94 16.54 -4.40 -10.52
N ARG A 95 17.74 -4.62 -10.02
CA ARG A 95 18.79 -5.31 -10.77
C ARG A 95 18.38 -6.76 -11.07
N MET A 96 17.68 -7.39 -10.13
CA MET A 96 17.16 -8.75 -10.33
C MET A 96 16.19 -8.86 -11.52
N PHE A 97 15.37 -7.83 -11.74
CA PHE A 97 14.45 -7.82 -12.89
C PHE A 97 15.05 -7.16 -14.13
N GLY A 98 16.34 -6.85 -14.10
CA GLY A 98 17.03 -6.21 -15.24
C GLY A 98 16.57 -4.79 -15.51
N LEU A 99 16.02 -4.14 -14.49
CA LEU A 99 15.52 -2.77 -14.62
C LEU A 99 16.58 -1.76 -14.18
N ASP A 100 16.31 -0.48 -14.43
CA ASP A 100 17.17 0.62 -13.99
C ASP A 100 17.26 0.64 -12.48
N GLU A 101 18.42 1.01 -11.97
CA GLU A 101 18.69 0.95 -10.54
C GLU A 101 17.76 1.84 -9.75
N CYS A 102 17.05 1.23 -8.80
CA CYS A 102 16.25 1.99 -7.86
C CYS A 102 17.07 2.21 -6.60
N GLN A 103 17.23 3.48 -6.21
CA GLN A 103 18.07 3.84 -5.07
C GLN A 103 17.48 3.35 -3.73
N PRO A 104 18.36 3.11 -2.73
CA PRO A 104 17.88 2.83 -1.38
C PRO A 104 16.95 3.94 -0.89
N LEU A 105 15.92 3.57 -0.15
CA LEU A 105 14.93 4.55 0.31
C LEU A 105 14.84 4.57 1.84
N THR A 106 14.93 5.75 2.41
CA THR A 106 14.75 5.96 3.84
C THR A 106 13.51 6.84 4.00
N PRO A 107 12.42 6.26 4.55
CA PRO A 107 11.21 7.06 4.76
C PRO A 107 11.43 8.10 5.84
N ASP A 108 10.63 9.16 5.80
CA ASP A 108 10.66 10.21 6.83
C ASP A 108 10.35 9.61 8.20
N ARG A 109 9.39 8.69 8.24
CA ARG A 109 9.08 7.95 9.46
C ARG A 109 8.47 6.59 9.15
N TRP A 110 8.72 5.65 10.05
CA TRP A 110 8.11 4.33 9.97
C TRP A 110 6.71 4.40 10.59
N LEU A 111 5.89 3.40 10.29
CA LEU A 111 4.56 3.32 10.89
C LEU A 111 4.47 2.14 11.85
N ASN A 112 3.55 2.25 12.79
CA ASN A 112 3.29 1.18 13.75
C ASN A 112 1.82 0.83 13.76
N ASP A 113 1.51 -0.36 14.29
CA ASP A 113 0.14 -0.79 14.45
C ASP A 113 -0.58 0.20 15.35
N GLY A 114 -1.72 0.72 14.88
CA GLY A 114 -2.56 1.57 15.71
C GLY A 114 -2.34 3.04 15.45
N ASP A 115 -1.38 3.37 14.58
CA ASP A 115 -1.14 4.75 14.16
C ASP A 115 -2.32 5.35 13.39
N ARG A 116 -2.46 6.66 13.53
CA ARG A 116 -3.40 7.44 12.74
C ARG A 116 -2.64 8.23 11.68
N VAL A 117 -3.15 8.21 10.46
CA VAL A 117 -2.67 9.09 9.40
C VAL A 117 -3.87 9.93 8.96
N SER A 118 -3.75 11.26 9.02
CA SER A 118 -4.81 12.16 8.57
C SER A 118 -4.64 12.62 7.13
N VAL A 119 -5.67 12.36 6.31
CA VAL A 119 -5.76 12.88 4.95
C VAL A 119 -6.90 13.91 4.91
N GLY A 120 -6.59 15.16 5.25
CA GLY A 120 -7.64 16.15 5.51
C GLY A 120 -8.52 15.64 6.64
N ASN A 121 -9.82 15.52 6.38
CA ASN A 121 -10.77 15.00 7.36
C ASN A 121 -10.97 13.48 7.37
N VAL A 122 -10.25 12.78 6.49
CA VAL A 122 -10.21 11.32 6.53
C VAL A 122 -9.16 10.86 7.54
N THR A 123 -9.57 10.00 8.48
CA THR A 123 -8.65 9.37 9.43
C THR A 123 -8.37 7.94 9.00
N LEU A 124 -7.13 7.65 8.63
CA LEU A 124 -6.73 6.28 8.30
C LEU A 124 -6.15 5.61 9.54
N GLN A 125 -6.63 4.41 9.83
CA GLN A 125 -6.05 3.59 10.89
C GLN A 125 -5.04 2.65 10.26
N VAL A 126 -3.86 2.57 10.86
CA VAL A 126 -2.79 1.72 10.36
C VAL A 126 -2.81 0.35 11.05
N LEU A 127 -2.87 -0.71 10.25
CA LEU A 127 -2.78 -2.07 10.78
C LEU A 127 -1.54 -2.76 10.25
N HIS A 128 -0.74 -3.31 11.17
CA HIS A 128 0.47 -4.07 10.84
C HIS A 128 0.07 -5.50 10.45
N CYS A 129 0.28 -5.86 9.18
CA CYS A 129 -0.13 -7.18 8.68
C CYS A 129 1.01 -7.96 8.03
N PRO A 130 1.91 -8.55 8.84
CA PRO A 130 3.07 -9.27 8.29
C PRO A 130 2.71 -10.63 7.67
N GLY A 131 3.64 -11.19 6.91
CA GLY A 131 3.43 -12.50 6.28
C GLY A 131 3.90 -12.49 4.84
N HIS A 132 3.57 -11.43 4.11
CA HIS A 132 4.11 -11.22 2.76
C HIS A 132 5.49 -10.58 2.94
N THR A 133 5.53 -9.44 3.62
CA THR A 133 6.79 -8.86 4.13
C THR A 133 6.62 -8.62 5.64
N PRO A 134 7.73 -8.64 6.40
CA PRO A 134 7.54 -8.51 7.85
C PRO A 134 7.11 -7.12 8.31
N GLY A 135 7.30 -6.12 7.45
CA GLY A 135 6.92 -4.73 7.77
C GLY A 135 5.67 -4.22 7.04
N HIS A 136 4.92 -5.11 6.42
CA HIS A 136 3.72 -4.74 5.65
C HIS A 136 2.65 -4.15 6.57
N VAL A 137 2.12 -3.00 6.16
CA VAL A 137 0.98 -2.36 6.82
C VAL A 137 -0.19 -2.20 5.83
N VAL A 138 -1.39 -1.96 6.37
CA VAL A 138 -2.55 -1.56 5.56
C VAL A 138 -3.18 -0.30 6.14
N PHE A 139 -3.97 0.41 5.33
CA PHE A 139 -4.61 1.66 5.74
C PHE A 139 -6.13 1.53 5.68
N PHE A 140 -6.79 1.72 6.82
CA PHE A 140 -8.23 1.55 6.90
C PHE A 140 -8.97 2.87 7.15
N ASP A 141 -9.88 3.23 6.24
CA ASP A 141 -10.79 4.35 6.45
C ASP A 141 -12.13 3.81 6.94
N GLU A 142 -12.36 3.94 8.24
CA GLU A 142 -13.57 3.40 8.85
C GLU A 142 -14.84 4.07 8.33
N GLN A 143 -14.78 5.37 8.10
CA GLN A 143 -15.96 6.14 7.64
C GLN A 143 -16.47 5.70 6.27
N SER A 144 -15.56 5.49 5.32
CA SER A 144 -15.95 5.04 4.00
C SER A 144 -15.85 3.52 3.83
N GLN A 145 -15.54 2.79 4.91
CA GLN A 145 -15.43 1.32 4.88
C GLN A 145 -14.52 0.88 3.73
N LEU A 146 -13.34 1.48 3.67
CA LEU A 146 -12.41 1.25 2.57
C LEU A 146 -11.02 0.94 3.12
N LEU A 147 -10.42 -0.11 2.56
CA LEU A 147 -9.11 -0.59 2.97
C LEU A 147 -8.14 -0.51 1.80
N ILE A 148 -6.96 0.07 2.04
CA ILE A 148 -5.90 0.10 1.05
C ILE A 148 -4.78 -0.79 1.59
N SER A 149 -4.64 -1.96 0.98
CA SER A 149 -4.02 -3.11 1.66
C SER A 149 -2.78 -3.72 0.99
N GLY A 150 -2.30 -3.13 -0.11
CA GLY A 150 -1.10 -3.63 -0.78
C GLY A 150 -1.23 -5.09 -1.19
N ASP A 151 -0.23 -5.89 -0.86
CA ASP A 151 -0.19 -7.27 -1.35
C ASP A 151 -0.48 -8.32 -0.27
N VAL A 152 -1.26 -7.94 0.73
CA VAL A 152 -1.71 -8.89 1.75
C VAL A 152 -2.80 -9.81 1.16
N ILE A 153 -3.83 -9.23 0.56
CA ILE A 153 -4.98 -10.00 0.06
C ILE A 153 -5.36 -9.59 -1.37
N PHE A 154 -5.71 -10.57 -2.19
CA PHE A 154 -6.19 -10.32 -3.55
C PHE A 154 -7.58 -10.92 -3.70
N LYS A 155 -8.28 -10.60 -4.79
CA LYS A 155 -9.54 -11.28 -5.09
C LYS A 155 -9.24 -12.73 -5.43
N GLY A 156 -9.63 -13.64 -4.54
CA GLY A 156 -9.37 -15.07 -4.72
C GLY A 156 -7.93 -15.49 -4.49
N GLY A 157 -7.15 -14.66 -3.81
CA GLY A 157 -5.76 -15.00 -3.48
C GLY A 157 -5.23 -14.26 -2.26
N VAL A 158 -3.98 -14.54 -1.92
CA VAL A 158 -3.27 -13.83 -0.86
C VAL A 158 -1.85 -13.56 -1.36
N GLY A 159 -1.13 -12.66 -0.70
CA GLY A 159 0.27 -12.39 -1.07
C GLY A 159 1.15 -13.62 -0.96
N ARG A 160 2.17 -13.70 -1.82
CA ARG A 160 3.20 -14.75 -1.71
C ARG A 160 3.88 -14.68 -0.34
N SER A 161 4.31 -15.83 0.16
CA SER A 161 4.97 -15.91 1.45
C SER A 161 6.30 -16.66 1.36
N ASP A 162 6.76 -16.88 0.14
CA ASP A 162 7.98 -17.65 -0.10
C ASP A 162 9.22 -16.76 -0.22
N PHE A 163 9.03 -15.45 -0.07
CA PHE A 163 10.12 -14.49 -0.05
C PHE A 163 10.94 -14.62 1.24
N PRO A 164 12.17 -14.08 1.27
CA PRO A 164 12.87 -14.03 2.56
C PRO A 164 12.02 -13.30 3.63
N ARG A 165 11.93 -13.91 4.81
CA ARG A 165 11.10 -13.45 5.93
C ARG A 165 9.57 -13.52 5.68
N GLY A 166 9.18 -14.09 4.54
CA GLY A 166 7.77 -14.42 4.30
C GLY A 166 7.33 -15.55 5.22
N ASP A 167 6.03 -15.59 5.53
CA ASP A 167 5.48 -16.58 6.45
C ASP A 167 3.98 -16.73 6.21
N HIS A 168 3.58 -17.88 5.67
CA HIS A 168 2.19 -18.12 5.27
C HIS A 168 1.23 -18.18 6.46
N THR A 169 1.62 -18.87 7.52
CA THR A 169 0.80 -18.98 8.73
C THR A 169 0.57 -17.57 9.30
N GLN A 170 1.62 -16.78 9.33
CA GLN A 170 1.56 -15.40 9.82
C GLN A 170 0.63 -14.52 8.96
N LEU A 171 0.71 -14.67 7.63
CA LEU A 171 -0.12 -13.89 6.70
C LEU A 171 -1.61 -14.18 6.85
N ILE A 172 -1.96 -15.47 6.92
CA ILE A 172 -3.34 -15.90 7.07
C ILE A 172 -3.92 -15.48 8.41
N ASP A 173 -3.09 -15.55 9.45
CA ASP A 173 -3.49 -15.13 10.79
C ASP A 173 -3.77 -13.63 10.83
N ALA A 174 -2.90 -12.84 10.18
CA ALA A 174 -3.09 -11.40 10.09
C ALA A 174 -4.38 -11.04 9.37
N ILE A 175 -4.67 -11.71 8.26
CA ILE A 175 -5.92 -11.48 7.52
C ILE A 175 -7.14 -11.77 8.40
N LYS A 176 -7.15 -12.96 9.00
CA LYS A 176 -8.29 -13.42 9.81
C LYS A 176 -8.47 -12.63 11.12
N ARG A 177 -7.37 -12.22 11.74
CA ARG A 177 -7.46 -11.57 13.04
C ARG A 177 -7.49 -10.04 12.97
N LYS A 178 -6.91 -9.46 11.91
CA LYS A 178 -6.86 -8.00 11.80
C LYS A 178 -7.76 -7.41 10.70
N LEU A 179 -7.91 -8.11 9.58
CA LEU A 179 -8.71 -7.57 8.47
C LEU A 179 -10.18 -7.98 8.51
N LEU A 180 -10.46 -9.28 8.42
CA LEU A 180 -11.85 -9.78 8.40
C LEU A 180 -12.76 -9.19 9.48
N PRO A 181 -12.25 -9.01 10.72
CA PRO A 181 -13.10 -8.42 11.78
C PRO A 181 -13.52 -6.96 11.56
N LEU A 182 -12.90 -6.28 10.58
CA LEU A 182 -13.31 -4.92 10.24
C LEU A 182 -14.72 -4.90 9.63
N GLY A 183 -15.16 -6.06 9.11
CA GLY A 183 -16.52 -6.22 8.59
C GLY A 183 -16.57 -6.73 7.15
N ASP A 184 -17.61 -7.50 6.85
CA ASP A 184 -17.83 -8.07 5.51
C ASP A 184 -18.01 -7.00 4.43
N ASP A 185 -18.51 -5.83 4.82
CA ASP A 185 -18.91 -4.77 3.90
C ASP A 185 -17.72 -3.91 3.44
N VAL A 186 -16.55 -4.14 4.04
CA VAL A 186 -15.33 -3.39 3.72
C VAL A 186 -14.81 -3.71 2.31
N THR A 187 -14.60 -2.66 1.51
CA THR A 187 -13.99 -2.79 0.18
C THR A 187 -12.48 -2.66 0.35
N PHE A 188 -11.72 -3.49 -0.36
CA PHE A 188 -10.26 -3.31 -0.35
C PHE A 188 -9.69 -3.02 -1.73
N ILE A 189 -8.69 -2.15 -1.75
CA ILE A 189 -7.88 -1.88 -2.95
C ILE A 189 -6.54 -2.59 -2.79
N PRO A 190 -6.40 -3.75 -3.46
CA PRO A 190 -5.15 -4.52 -3.41
C PRO A 190 -4.12 -3.97 -4.39
N GLY A 191 -2.88 -4.39 -4.23
CA GLY A 191 -1.80 -3.95 -5.11
C GLY A 191 -1.92 -4.46 -6.53
N HIS A 192 -2.67 -5.55 -6.73
CA HIS A 192 -2.77 -6.19 -8.04
C HIS A 192 -4.17 -6.78 -8.27
N GLY A 193 -4.63 -6.71 -9.51
CA GLY A 193 -5.92 -7.26 -9.88
C GLY A 193 -7.09 -6.40 -9.44
N PRO A 194 -8.32 -6.95 -9.56
CA PRO A 194 -9.53 -6.18 -9.26
C PRO A 194 -9.75 -5.98 -7.76
N LEU A 195 -10.52 -4.94 -7.43
CA LEU A 195 -11.02 -4.76 -6.06
C LEU A 195 -11.96 -5.88 -5.65
N SER A 196 -12.15 -6.04 -4.35
CA SER A 196 -13.10 -7.00 -3.80
C SER A 196 -13.52 -6.51 -2.42
N THR A 197 -14.33 -7.30 -1.71
CA THR A 197 -14.72 -6.97 -0.34
C THR A 197 -14.19 -8.03 0.60
N LEU A 198 -14.08 -7.68 1.88
CA LEU A 198 -13.66 -8.65 2.89
C LEU A 198 -14.66 -9.79 3.06
N GLY A 199 -15.95 -9.49 2.93
CA GLY A 199 -17.00 -10.51 3.04
C GLY A 199 -16.95 -11.57 1.95
N TYR A 200 -16.78 -11.13 0.71
CA TYR A 200 -16.60 -12.05 -0.40
C TYR A 200 -15.37 -12.96 -0.24
N GLU A 201 -14.25 -12.42 0.23
CA GLU A 201 -13.04 -13.21 0.43
C GLU A 201 -13.18 -14.20 1.58
N ARG A 202 -13.79 -13.74 2.67
CA ARG A 202 -14.08 -14.60 3.82
C ARG A 202 -14.76 -15.90 3.37
N LEU A 203 -15.68 -15.79 2.42
CA LEU A 203 -16.50 -16.94 2.03
C LEU A 203 -16.08 -17.65 0.73
N HIS A 204 -15.21 -17.02 -0.06
CA HIS A 204 -14.84 -17.58 -1.37
C HIS A 204 -13.34 -17.77 -1.60
N ASN A 205 -12.51 -17.04 -0.86
CA ASN A 205 -11.06 -17.13 -1.03
C ASN A 205 -10.54 -18.50 -0.56
N PRO A 206 -9.94 -19.28 -1.47
CA PRO A 206 -9.52 -20.65 -1.13
C PRO A 206 -8.42 -20.72 -0.05
N PHE A 207 -7.74 -19.60 0.18
CA PHE A 207 -6.67 -19.56 1.18
C PHE A 207 -7.19 -19.27 2.58
N LEU A 208 -8.46 -18.91 2.67
CA LEU A 208 -9.05 -18.52 3.94
C LEU A 208 -10.09 -19.53 4.45
N GLN A 209 -10.03 -20.76 3.95
CA GLN A 209 -11.02 -21.78 4.33
C GLN A 209 -10.44 -22.84 5.27
N ASP A 210 -10.89 -22.78 6.52
CA ASP A 210 -10.47 -23.68 7.61
C ASP A 210 -9.68 -22.93 8.70
#